data_5XXG
#
_entry.id   5XXG
#
_cell.length_a   61.288
_cell.length_b   66.374
_cell.length_c   107.296
_cell.angle_alpha   90.000
_cell.angle_beta   90.000
_cell.angle_gamma   90.000
#
_symmetry.space_group_name_H-M   'P 21 21 21'
#
loop_
_entity.id
_entity.type
_entity.pdbx_description
1 polymer SMYD3
2 non-polymer 'propyl 4-(4-chloranyl-2-phenyl-quinolin-7-yl)carbonylpiperazine-1-carboxylate'
3 non-polymer S-ADENOSYLMETHIONINE
4 non-polymer 'ZINC ION'
5 water water
#
_entity_poly.entity_id   1
_entity_poly.type   'polypeptide(L)'
_entity_poly.pdbx_seq_one_letter_code
;PLKVEKFATANRGNGLRAVTPLRPGELLFRSDPLAYTVCKGSRGVVCDRCLLGKEKLMRCSQCRVAKYCSAKCQKKAWPD
HKRECKCLKSCKPRYPPDSVRLLGRVVFKLMDGAPSESEKLYSFYDLESNINKLTEDRKEGLRQLVMTFQHFMREEIQDA
SQLPPAFDLFEAFAKVICNSFTICNAEMQEVGVGLYPSISLLNHSCDPNCSIVFNGPHLLLRAVRDIEVGEELTICYLDM
LMTSEERRKQLRDQYCFECDCFRCQTQDKDADMLTGDEQVWKEVQESLKKIEELKAHWKWEQVLAMCQAIISSNSERLPD
INIYQLKVLDCAMDACINLGLLEEALFYGTRTMEPYRIFFPGSHPVRGVQVMKVGKLQLHQGMFPQAMKNLRLAFDIMRV
THGREHSLIEDLILLLEECDANI
;
_entity_poly.pdbx_strand_id   A
#
loop_
_chem_comp.id
_chem_comp.type
_chem_comp.name
_chem_comp.formula
8HR non-polymer 'propyl 4-(4-chloranyl-2-phenyl-quinolin-7-yl)carbonylpiperazine-1-carboxylate' 'C24 H24 Cl N3 O3'
SAM non-polymer S-ADENOSYLMETHIONINE 'C15 H22 N6 O5 S'
ZN non-polymer 'ZINC ION' 'Zn 2'
#
# COMPACT_ATOMS: atom_id res chain seq x y z
N PRO A 1 -11.82 -19.11 -17.28
CA PRO A 1 -13.00 -18.26 -17.07
C PRO A 1 -12.90 -17.44 -15.79
N LEU A 2 -13.44 -16.23 -15.81
CA LEU A 2 -13.30 -15.34 -14.68
C LEU A 2 -14.30 -15.71 -13.59
N LYS A 3 -13.86 -15.62 -12.35
CA LYS A 3 -14.70 -15.83 -11.18
C LYS A 3 -15.39 -14.54 -10.73
N VAL A 4 -15.08 -13.41 -11.36
CA VAL A 4 -15.62 -12.10 -11.01
C VAL A 4 -16.16 -11.44 -12.27
N GLU A 5 -16.98 -10.40 -12.07
CA GLU A 5 -17.55 -9.66 -13.18
C GLU A 5 -17.89 -8.23 -12.73
N LYS A 6 -17.75 -7.31 -13.68
CA LYS A 6 -18.23 -5.94 -13.49
C LYS A 6 -19.76 -5.93 -13.45
N PHE A 7 -20.31 -5.02 -12.63
CA PHE A 7 -21.75 -4.78 -12.63
C PHE A 7 -22.03 -3.37 -12.12
N ALA A 8 -23.25 -2.91 -12.35
CA ALA A 8 -23.70 -1.62 -11.87
C ALA A 8 -24.38 -1.81 -10.52
N THR A 9 -23.83 -1.18 -9.47
CA THR A 9 -24.42 -1.23 -8.15
C THR A 9 -25.54 -0.20 -8.03
N ALA A 10 -26.35 -0.35 -6.99
CA ALA A 10 -27.50 0.52 -6.80
C ALA A 10 -27.10 1.93 -6.38
N ASN A 11 -26.02 2.08 -5.60
CA ASN A 11 -25.69 3.43 -5.14
C ASN A 11 -24.20 3.66 -4.92
N ARG A 12 -23.31 2.80 -5.45
CA ARG A 12 -21.87 2.95 -5.35
C ARG A 12 -21.21 2.92 -6.73
N GLY A 13 -21.92 3.36 -7.77
CA GLY A 13 -21.37 3.30 -9.11
C GLY A 13 -21.16 1.86 -9.58
N ASN A 14 -20.11 1.64 -10.37
CA ASN A 14 -19.75 0.28 -10.79
C ASN A 14 -19.02 -0.44 -9.68
N GLY A 15 -19.09 -1.78 -9.72
CA GLY A 15 -18.46 -2.65 -8.73
C GLY A 15 -18.10 -4.01 -9.32
N LEU A 16 -17.54 -4.87 -8.47
CA LEU A 16 -17.20 -6.25 -8.84
C LEU A 16 -18.00 -7.22 -7.98
N ARG A 17 -18.51 -8.28 -8.58
CA ARG A 17 -19.28 -9.29 -7.86
C ARG A 17 -18.85 -10.68 -8.28
N ALA A 18 -19.19 -11.67 -7.45
CA ALA A 18 -18.79 -13.04 -7.70
C ALA A 18 -19.72 -13.68 -8.72
N VAL A 19 -19.14 -14.41 -9.67
CA VAL A 19 -19.92 -15.21 -10.60
C VAL A 19 -20.02 -16.67 -10.18
N THR A 20 -19.15 -17.14 -9.29
CA THR A 20 -19.12 -18.47 -8.67
C THR A 20 -18.96 -18.28 -7.17
N PRO A 21 -19.40 -19.26 -6.36
CA PRO A 21 -19.11 -19.18 -4.93
C PRO A 21 -17.61 -19.12 -4.70
N LEU A 22 -17.19 -18.31 -3.73
CA LEU A 22 -15.77 -18.14 -3.45
C LEU A 22 -15.44 -18.59 -2.03
N ARG A 23 -14.26 -19.17 -1.84
CA ARG A 23 -13.83 -19.58 -0.51
C ARG A 23 -12.63 -18.75 -0.05
N PRO A 24 -12.40 -18.64 1.25
CA PRO A 24 -11.21 -17.93 1.73
C PRO A 24 -9.95 -18.40 1.02
N GLY A 25 -9.13 -17.45 0.58
CA GLY A 25 -7.87 -17.75 -0.06
C GLY A 25 -7.91 -17.91 -1.57
N GLU A 26 -9.11 -17.98 -2.16
CA GLU A 26 -9.23 -18.24 -3.59
C GLU A 26 -8.77 -17.03 -4.38
N LEU A 27 -7.92 -17.26 -5.38
CA LEU A 27 -7.38 -16.19 -6.21
C LEU A 27 -8.45 -15.73 -7.19
N LEU A 28 -8.78 -14.44 -7.16
CA LEU A 28 -9.84 -13.92 -8.00
C LEU A 28 -9.32 -13.13 -9.20
N PHE A 29 -8.19 -12.44 -9.07
CA PHE A 29 -7.66 -11.66 -10.17
C PHE A 29 -6.18 -11.39 -9.90
N ARG A 30 -5.41 -11.31 -10.99
CA ARG A 30 -4.00 -10.95 -10.96
C ARG A 30 -3.77 -9.82 -11.93
N SER A 31 -2.91 -8.87 -11.57
CA SER A 31 -2.65 -7.79 -12.51
C SER A 31 -1.29 -7.15 -12.28
N ASP A 32 -0.63 -6.85 -13.39
CA ASP A 32 0.43 -5.85 -13.41
C ASP A 32 -0.21 -4.47 -13.52
N PRO A 33 0.51 -3.42 -13.13
CA PRO A 33 -0.06 -2.07 -13.27
C PRO A 33 -0.21 -1.68 -14.73
N LEU A 34 -1.22 -0.83 -14.99
CA LEU A 34 -1.18 -0.01 -16.20
C LEU A 34 0.03 0.91 -16.17
N ALA A 35 0.27 1.55 -15.03
CA ALA A 35 1.45 2.38 -14.84
C ALA A 35 1.76 2.42 -13.36
N TYR A 36 3.03 2.60 -13.03
CA TYR A 36 3.46 2.69 -11.63
C TYR A 36 4.80 3.40 -11.57
N THR A 37 5.07 3.98 -10.40
CA THR A 37 6.37 4.57 -10.16
C THR A 37 6.75 4.34 -8.69
N VAL A 38 7.99 4.66 -8.36
CA VAL A 38 8.47 4.56 -6.98
C VAL A 38 7.99 5.77 -6.20
N CYS A 39 7.73 5.61 -4.90
CA CYS A 39 7.25 6.76 -4.16
CA CYS A 39 7.27 6.69 -4.03
C CYS A 39 8.41 7.63 -3.70
N LYS A 40 8.07 8.86 -3.29
CA LYS A 40 9.05 9.90 -2.97
C LYS A 40 10.10 9.40 -1.98
N GLY A 41 9.67 8.72 -0.92
CA GLY A 41 10.61 8.32 0.12
C GLY A 41 11.48 7.14 -0.24
N SER A 42 10.99 6.25 -1.11
CA SER A 42 11.73 5.09 -1.57
C SER A 42 12.52 5.34 -2.85
N ARG A 43 12.46 6.56 -3.38
CA ARG A 43 13.23 6.88 -4.59
C ARG A 43 14.72 6.77 -4.29
N GLY A 44 15.45 6.07 -5.14
CA GLY A 44 16.84 5.80 -4.88
C GLY A 44 17.12 4.82 -3.76
N VAL A 45 16.09 4.27 -3.12
CA VAL A 45 16.26 3.24 -2.10
C VAL A 45 15.85 1.87 -2.63
N VAL A 46 14.78 1.81 -3.44
CA VAL A 46 14.38 0.56 -4.06
C VAL A 46 14.48 0.70 -5.58
N CYS A 47 14.47 -0.45 -6.26
CA CYS A 47 14.60 -0.47 -7.71
C CYS A 47 13.35 0.07 -8.38
N ASP A 48 13.51 1.03 -9.31
CA ASP A 48 12.38 1.59 -10.05
C ASP A 48 11.49 0.51 -10.66
N ARG A 49 12.09 -0.59 -11.12
CA ARG A 49 11.30 -1.61 -11.82
C ARG A 49 10.68 -2.62 -10.86
N CYS A 50 11.51 -3.41 -10.14
CA CYS A 50 10.97 -4.50 -9.33
C CYS A 50 10.65 -4.10 -7.90
N LEU A 51 11.04 -2.88 -7.47
CA LEU A 51 10.65 -2.32 -6.18
C LEU A 51 11.28 -3.07 -5.00
N LEU A 52 12.43 -3.69 -5.23
CA LEU A 52 13.21 -4.31 -4.17
C LEU A 52 14.32 -3.37 -3.72
N GLY A 53 14.58 -3.37 -2.41
CA GLY A 53 15.66 -2.56 -1.88
C GLY A 53 17.02 -3.23 -2.06
N LYS A 54 18.05 -2.39 -2.17
CA LYS A 54 19.43 -2.87 -2.25
C LYS A 54 20.35 -1.85 -1.57
N GLU A 55 21.55 -2.32 -1.20
CA GLU A 55 22.54 -1.44 -0.61
C GLU A 55 23.12 -0.49 -1.65
N LYS A 56 23.24 -0.94 -2.90
CA LYS A 56 23.76 -0.13 -4.00
C LYS A 56 22.82 -0.27 -5.19
N LEU A 57 22.47 0.87 -5.79
CA LEU A 57 21.63 0.93 -6.97
C LEU A 57 22.38 1.61 -8.11
N MET A 58 22.23 1.07 -9.31
CA MET A 58 22.69 1.75 -10.51
C MET A 58 21.69 2.82 -10.92
N ARG A 59 22.17 3.98 -11.31
CA ARG A 59 21.29 5.03 -11.78
C ARG A 59 21.27 5.06 -13.30
N CYS A 60 20.17 5.58 -13.85
CA CYS A 60 20.10 5.87 -15.26
C CYS A 60 21.04 7.01 -15.58
N SER A 61 21.98 6.79 -16.50
CA SER A 61 23.00 7.80 -16.72
C SER A 61 22.43 9.08 -17.32
N GLN A 62 21.33 8.98 -18.07
CA GLN A 62 20.78 10.14 -18.75
C GLN A 62 20.08 11.08 -17.77
N CYS A 63 19.08 10.59 -17.04
CA CYS A 63 18.41 11.49 -16.10
C CYS A 63 19.00 11.47 -14.71
N ARG A 64 19.62 10.37 -14.30
CA ARG A 64 20.18 10.19 -12.96
C ARG A 64 19.13 10.26 -11.87
N VAL A 65 17.86 9.98 -12.19
CA VAL A 65 16.79 9.93 -11.20
C VAL A 65 16.30 8.50 -11.00
N ALA A 66 15.96 7.82 -12.10
CA ALA A 66 15.60 6.41 -12.05
C ALA A 66 16.81 5.59 -11.59
N LYS A 67 16.58 4.63 -10.69
CA LYS A 67 17.66 3.80 -10.19
C LYS A 67 17.19 2.36 -10.11
N TYR A 68 18.12 1.43 -10.34
CA TYR A 68 17.78 0.03 -10.57
C TYR A 68 18.70 -0.89 -9.78
N CYS A 69 18.18 -2.09 -9.51
CA CYS A 69 18.89 -3.11 -8.74
C CYS A 69 19.87 -3.91 -9.58
N SER A 70 19.76 -3.84 -10.89
CA SER A 70 20.48 -4.73 -11.79
C SER A 70 20.41 -4.17 -13.19
N ALA A 71 21.37 -4.60 -14.01
CA ALA A 71 21.35 -4.30 -15.43
C ALA A 71 20.09 -4.82 -16.10
N LYS A 72 19.61 -5.99 -15.67
CA LYS A 72 18.38 -6.55 -16.23
C LYS A 72 17.19 -5.63 -15.99
N CYS A 73 17.05 -5.14 -14.76
CA CYS A 73 15.92 -4.26 -14.44
C CYS A 73 16.03 -2.95 -15.21
N GLN A 74 17.24 -2.39 -15.32
CA GLN A 74 17.39 -1.11 -16.03
C GLN A 74 17.03 -1.24 -17.51
N LYS A 75 17.55 -2.28 -18.17
CA LYS A 75 17.22 -2.51 -19.58
C LYS A 75 15.74 -2.83 -19.76
N LYS A 76 15.19 -3.75 -18.96
CA LYS A 76 13.78 -4.09 -19.08
C LYS A 76 12.87 -2.87 -18.87
N ALA A 77 13.26 -1.95 -17.98
CA ALA A 77 12.48 -0.76 -17.70
C ALA A 77 12.63 0.32 -18.76
N TRP A 78 13.60 0.22 -19.67
CA TRP A 78 13.86 1.31 -20.59
C TRP A 78 12.64 1.71 -21.44
N PRO A 79 11.85 0.79 -22.02
CA PRO A 79 10.70 1.26 -22.83
C PRO A 79 9.75 2.15 -22.06
N ASP A 80 9.34 1.76 -20.85
CA ASP A 80 8.43 2.57 -20.06
C ASP A 80 9.11 3.76 -19.38
N HIS A 81 10.42 3.89 -19.50
CA HIS A 81 11.15 5.00 -18.91
C HIS A 81 11.64 6.01 -19.95
N LYS A 82 11.82 5.59 -21.20
CA LYS A 82 12.50 6.39 -22.22
C LYS A 82 11.95 7.82 -22.32
N ARG A 83 10.62 7.97 -22.37
CA ARG A 83 10.05 9.31 -22.58
C ARG A 83 10.07 10.16 -21.31
N GLU A 84 9.81 9.57 -20.13
CA GLU A 84 9.90 10.33 -18.90
C GLU A 84 11.34 10.75 -18.61
N CYS A 85 12.31 10.02 -19.16
CA CYS A 85 13.71 10.29 -18.88
C CYS A 85 14.11 11.69 -19.34
N LYS A 86 13.71 12.06 -20.56
CA LYS A 86 13.98 13.40 -21.06
C LYS A 86 13.31 14.45 -20.18
N CYS A 87 12.12 14.13 -19.66
CA CYS A 87 11.39 15.08 -18.83
C CYS A 87 12.06 15.26 -17.48
N LEU A 88 12.49 14.17 -16.85
CA LEU A 88 13.11 14.27 -15.54
C LEU A 88 14.45 14.98 -15.60
N LYS A 89 15.19 14.76 -16.69
CA LYS A 89 16.47 15.44 -16.86
C LYS A 89 16.26 16.95 -17.02
N SER A 90 15.45 17.35 -17.99
CA SER A 90 15.29 18.77 -18.29
C SER A 90 14.69 19.55 -17.13
N CYS A 91 14.02 18.88 -16.19
CA CYS A 91 13.39 19.57 -15.07
CA CYS A 91 13.38 19.54 -15.05
C CYS A 91 14.21 19.45 -13.77
N LYS A 92 15.45 18.99 -13.85
CA LYS A 92 16.31 18.91 -12.67
C LYS A 92 16.67 20.33 -12.18
N PRO A 93 16.78 20.53 -10.86
CA PRO A 93 16.64 19.55 -9.79
C PRO A 93 15.22 19.46 -9.23
N ARG A 94 14.24 19.95 -9.98
CA ARG A 94 12.85 19.88 -9.56
C ARG A 94 12.30 18.48 -9.86
N TYR A 95 11.87 17.74 -8.80
CA TYR A 95 11.28 16.41 -8.96
C TYR A 95 9.77 16.50 -8.82
N PRO A 96 9.00 15.88 -9.70
CA PRO A 96 7.54 16.08 -9.69
C PRO A 96 6.88 15.37 -8.52
N PRO A 97 5.68 15.78 -8.14
CA PRO A 97 4.88 14.95 -7.23
C PRO A 97 4.69 13.56 -7.82
N ASP A 98 4.57 12.57 -6.94
CA ASP A 98 4.38 11.18 -7.36
C ASP A 98 3.23 11.03 -8.35
N SER A 99 2.10 11.70 -8.07
CA SER A 99 0.94 11.59 -8.95
C SER A 99 1.25 12.13 -10.34
N VAL A 100 2.14 13.11 -10.43
CA VAL A 100 2.45 13.68 -11.74
C VAL A 100 3.29 12.69 -12.53
N ARG A 101 4.32 12.11 -11.90
CA ARG A 101 5.12 11.10 -12.58
C ARG A 101 4.27 9.88 -12.96
N LEU A 102 3.37 9.46 -12.06
CA LEU A 102 2.44 8.41 -12.39
C LEU A 102 1.61 8.76 -13.62
N LEU A 103 1.01 9.95 -13.63
CA LEU A 103 0.17 10.29 -14.78
C LEU A 103 0.99 10.36 -16.07
N GLY A 104 2.26 10.79 -15.98
CA GLY A 104 3.12 10.74 -17.16
C GLY A 104 3.23 9.35 -17.74
N ARG A 105 3.49 8.35 -16.88
CA ARG A 105 3.58 6.98 -17.36
C ARG A 105 2.26 6.46 -17.89
N VAL A 106 1.13 6.90 -17.31
CA VAL A 106 -0.18 6.57 -17.87
C VAL A 106 -0.26 7.02 -19.33
N VAL A 107 0.10 8.29 -19.59
CA VAL A 107 -0.02 8.85 -20.94
C VAL A 107 0.88 8.11 -21.91
N PHE A 108 2.14 7.87 -21.53
CA PHE A 108 3.06 7.19 -22.43
C PHE A 108 2.56 5.78 -22.73
N LYS A 109 2.11 5.07 -21.69
CA LYS A 109 1.58 3.73 -21.91
C LYS A 109 0.37 3.76 -22.83
N LEU A 110 -0.55 4.70 -22.62
CA LEU A 110 -1.75 4.72 -23.46
C LEU A 110 -1.41 5.11 -24.89
N MET A 111 -0.44 6.01 -25.08
CA MET A 111 -0.07 6.47 -26.42
C MET A 111 0.78 5.46 -27.18
N ASP A 112 1.70 4.77 -26.50
CA ASP A 112 2.75 4.00 -27.16
C ASP A 112 2.70 2.50 -26.92
N GLY A 113 2.04 2.04 -25.89
CA GLY A 113 1.97 0.61 -25.61
C GLY A 113 0.72 -0.04 -26.15
N ALA A 114 0.81 -1.35 -26.39
CA ALA A 114 -0.36 -2.13 -26.80
C ALA A 114 -1.41 -2.08 -25.70
N PRO A 115 -2.68 -2.36 -26.02
CA PRO A 115 -3.71 -2.35 -24.97
C PRO A 115 -3.28 -3.23 -23.81
N SER A 116 -3.50 -2.74 -22.60
CA SER A 116 -2.91 -3.33 -21.41
C SER A 116 -3.85 -4.37 -20.80
N GLU A 117 -3.28 -5.51 -20.41
CA GLU A 117 -4.07 -6.50 -19.69
C GLU A 117 -4.69 -5.92 -18.42
N SER A 118 -4.06 -4.92 -17.82
CA SER A 118 -4.61 -4.31 -16.60
C SER A 118 -5.97 -3.67 -16.84
N GLU A 119 -6.34 -3.41 -18.09
CA GLU A 119 -7.60 -2.74 -18.38
C GLU A 119 -8.67 -3.71 -18.87
N LYS A 120 -8.49 -5.01 -18.61
CA LYS A 120 -9.37 -6.01 -19.20
C LYS A 120 -10.82 -5.83 -18.75
N LEU A 121 -11.06 -5.58 -17.45
CA LEU A 121 -12.42 -5.42 -16.96
C LEU A 121 -12.91 -3.99 -16.98
N TYR A 122 -11.99 -3.01 -17.03
CA TYR A 122 -12.25 -1.61 -16.73
C TYR A 122 -11.01 -0.84 -17.14
N SER A 123 -11.17 0.28 -17.83
CA SER A 123 -10.05 1.02 -18.40
C SER A 123 -9.83 2.33 -17.65
N PHE A 124 -8.67 2.94 -17.87
CA PHE A 124 -8.44 4.27 -17.33
C PHE A 124 -9.54 5.24 -17.77
N TYR A 125 -10.06 5.09 -18.99
CA TYR A 125 -11.13 5.98 -19.44
C TYR A 125 -12.40 5.78 -18.63
N ASP A 126 -12.62 4.56 -18.14
CA ASP A 126 -13.83 4.23 -17.37
C ASP A 126 -13.80 4.74 -15.94
N LEU A 127 -12.62 5.07 -15.43
CA LEU A 127 -12.44 5.27 -13.99
C LEU A 127 -13.35 6.37 -13.45
N GLU A 128 -13.86 6.16 -12.24
CA GLU A 128 -14.60 7.23 -11.57
C GLU A 128 -13.70 8.44 -11.32
N SER A 129 -14.22 9.63 -11.61
CA SER A 129 -13.51 10.87 -11.32
C SER A 129 -14.12 11.66 -10.16
N ASN A 130 -15.39 11.42 -9.82
CA ASN A 130 -16.10 12.16 -8.76
C ASN A 130 -16.10 13.67 -8.97
N ILE A 131 -16.03 14.13 -10.23
CA ILE A 131 -15.88 15.57 -10.51
C ILE A 131 -16.97 16.37 -9.85
N ASN A 132 -18.21 15.89 -9.93
CA ASN A 132 -19.33 16.69 -9.42
C ASN A 132 -19.42 16.65 -7.91
N LYS A 133 -18.48 15.98 -7.21
CA LYS A 133 -18.44 16.02 -5.76
C LYS A 133 -17.23 16.76 -5.21
N LEU A 134 -16.27 17.14 -6.05
CA LEU A 134 -15.07 17.79 -5.55
C LEU A 134 -15.41 19.17 -4.97
N THR A 135 -14.78 19.50 -3.84
CA THR A 135 -14.88 20.85 -3.29
C THR A 135 -14.07 21.83 -4.14
N GLU A 136 -14.38 23.12 -4.00
CA GLU A 136 -13.58 24.14 -4.67
C GLU A 136 -12.11 24.05 -4.25
N ASP A 137 -11.84 23.69 -2.99
CA ASP A 137 -10.46 23.52 -2.55
C ASP A 137 -9.78 22.40 -3.32
N ARG A 138 -10.47 21.26 -3.50
CA ARG A 138 -9.90 20.14 -4.24
C ARG A 138 -9.65 20.51 -5.70
N LYS A 139 -10.63 21.16 -6.34
CA LYS A 139 -10.49 21.59 -7.73
C LYS A 139 -9.27 22.48 -7.92
N GLU A 140 -9.04 23.42 -6.99
CA GLU A 140 -7.85 24.25 -7.11
C GLU A 140 -6.58 23.39 -7.03
N GLY A 141 -6.52 22.45 -6.09
CA GLY A 141 -5.37 21.56 -6.01
C GLY A 141 -5.14 20.80 -7.29
N LEU A 142 -6.22 20.32 -7.93
CA LEU A 142 -6.07 19.59 -9.19
C LEU A 142 -5.62 20.50 -10.32
N ARG A 143 -6.00 21.78 -10.27
CA ARG A 143 -5.54 22.72 -11.30
C ARG A 143 -4.04 22.94 -11.21
N GLN A 144 -3.49 22.92 -9.99
CA GLN A 144 -2.06 23.06 -9.82
C GLN A 144 -1.33 21.81 -10.31
N LEU A 145 -1.89 20.61 -10.06
CA LEU A 145 -1.31 19.37 -10.59
C LEU A 145 -1.31 19.37 -12.10
N VAL A 146 -2.38 19.89 -12.72
CA VAL A 146 -2.43 20.02 -14.18
C VAL A 146 -1.25 20.85 -14.67
N MET A 147 -1.06 22.04 -14.11
CA MET A 147 0.04 22.90 -14.55
C MET A 147 1.38 22.27 -14.22
N THR A 148 1.51 21.66 -13.04
CA THR A 148 2.72 20.90 -12.73
C THR A 148 3.00 19.85 -13.80
N PHE A 149 1.96 19.13 -14.24
CA PHE A 149 2.11 18.13 -15.30
C PHE A 149 2.58 18.78 -16.59
N GLN A 150 1.97 19.91 -16.96
CA GLN A 150 2.33 20.54 -18.22
C GLN A 150 3.77 21.04 -18.19
N HIS A 151 4.20 21.54 -17.03
CA HIS A 151 5.58 21.97 -16.88
C HIS A 151 6.54 20.80 -17.00
N PHE A 152 6.23 19.69 -16.32
CA PHE A 152 7.17 18.58 -16.21
C PHE A 152 7.25 17.78 -17.51
N MET A 153 6.17 17.74 -18.28
CA MET A 153 6.11 16.95 -19.51
C MET A 153 6.45 17.76 -20.76
N ARG A 154 6.89 19.01 -20.60
CA ARG A 154 7.05 19.92 -21.75
C ARG A 154 7.89 19.31 -22.87
N GLU A 155 8.94 18.58 -22.52
CA GLU A 155 9.83 18.07 -23.56
C GLU A 155 9.14 17.04 -24.43
N GLU A 156 8.16 16.32 -23.89
CA GLU A 156 7.58 15.18 -24.58
C GLU A 156 6.14 15.40 -25.00
N ILE A 157 5.40 16.23 -24.28
CA ILE A 157 4.01 16.49 -24.56
C ILE A 157 3.85 17.99 -24.74
N GLN A 158 3.67 18.41 -25.98
CA GLN A 158 3.57 19.82 -26.35
C GLN A 158 2.13 20.30 -26.44
N ASP A 159 1.25 19.46 -26.98
CA ASP A 159 -0.14 19.85 -27.26
C ASP A 159 -1.03 18.64 -27.03
N ALA A 160 -2.31 18.79 -27.40
CA ALA A 160 -3.31 17.75 -27.24
C ALA A 160 -3.15 16.61 -28.24
N SER A 161 -2.34 16.78 -29.29
CA SER A 161 -2.15 15.71 -30.26
C SER A 161 -1.26 14.61 -29.71
N GLN A 162 -0.44 14.90 -28.71
CA GLN A 162 0.37 13.90 -28.04
C GLN A 162 -0.34 13.27 -26.86
N LEU A 163 -1.59 13.65 -26.61
CA LEU A 163 -2.40 12.99 -25.61
C LEU A 163 -3.41 12.08 -26.29
N PRO A 164 -3.96 11.12 -25.57
CA PRO A 164 -5.03 10.29 -26.13
C PRO A 164 -6.20 11.16 -26.56
N PRO A 165 -7.07 10.65 -27.44
CA PRO A 165 -8.19 11.47 -27.91
C PRO A 165 -9.13 11.84 -26.76
N ALA A 166 -9.51 13.12 -26.71
CA ALA A 166 -10.47 13.62 -25.71
C ALA A 166 -9.97 13.38 -24.29
N PHE A 167 -8.65 13.53 -24.08
CA PHE A 167 -8.00 13.25 -22.80
C PHE A 167 -7.89 14.56 -22.01
N ASP A 168 -8.60 14.63 -20.90
CA ASP A 168 -8.69 15.84 -20.10
C ASP A 168 -7.78 15.68 -18.88
N LEU A 169 -6.74 16.52 -18.82
CA LEU A 169 -5.76 16.42 -17.73
C LEU A 169 -6.40 16.66 -16.37
N PHE A 170 -7.34 17.60 -16.27
CA PHE A 170 -8.03 17.80 -14.99
C PHE A 170 -8.76 16.52 -14.59
N GLU A 171 -9.57 15.99 -15.51
CA GLU A 171 -10.31 14.77 -15.22
C GLU A 171 -9.40 13.58 -14.95
N ALA A 172 -8.22 13.53 -15.59
CA ALA A 172 -7.32 12.41 -15.32
C ALA A 172 -6.75 12.49 -13.90
N PHE A 173 -6.36 13.67 -13.43
CA PHE A 173 -5.87 13.76 -12.06
C PHE A 173 -6.98 13.47 -11.05
N ALA A 174 -8.23 13.85 -11.35
CA ALA A 174 -9.34 13.48 -10.48
C ALA A 174 -9.49 11.96 -10.40
N LYS A 175 -9.28 11.25 -11.51
CA LYS A 175 -9.32 9.80 -11.48
C LYS A 175 -8.18 9.22 -10.64
N VAL A 176 -6.99 9.81 -10.76
CA VAL A 176 -5.83 9.37 -9.99
C VAL A 176 -6.10 9.44 -8.49
N ILE A 177 -6.70 10.55 -8.04
CA ILE A 177 -6.92 10.76 -6.60
C ILE A 177 -7.66 9.58 -5.99
N CYS A 178 -8.72 9.12 -6.65
CA CYS A 178 -9.57 8.11 -6.03
C CYS A 178 -9.38 6.73 -6.64
N ASN A 179 -8.32 6.53 -7.42
CA ASN A 179 -8.01 5.19 -7.92
C ASN A 179 -6.54 4.80 -7.82
N SER A 180 -5.68 5.60 -7.18
CA SER A 180 -4.29 5.20 -6.99
C SER A 180 -4.20 4.08 -5.98
N PHE A 181 -3.32 3.10 -6.23
CA PHE A 181 -2.99 2.06 -5.26
C PHE A 181 -1.61 2.33 -4.70
N THR A 182 -1.51 2.34 -3.38
CA THR A 182 -0.22 2.31 -2.71
C THR A 182 0.37 0.90 -2.77
N ILE A 183 1.59 0.79 -3.25
CA ILE A 183 2.26 -0.50 -3.43
C ILE A 183 3.19 -0.72 -2.26
N CYS A 184 3.15 -1.91 -1.68
CA CYS A 184 4.06 -2.20 -0.59
C CYS A 184 4.89 -3.43 -0.90
N ASN A 185 6.10 -3.46 -0.35
CA ASN A 185 6.96 -4.61 -0.50
C ASN A 185 6.47 -5.75 0.40
N ALA A 186 7.23 -6.84 0.40
CA ALA A 186 6.85 -8.01 1.19
C ALA A 186 6.77 -7.69 2.68
N GLU A 187 7.60 -6.77 3.17
CA GLU A 187 7.59 -6.41 4.59
C GLU A 187 6.50 -5.39 4.93
N MET A 188 5.66 -5.01 3.96
CA MET A 188 4.57 -4.06 4.15
C MET A 188 5.08 -2.64 4.35
N GLN A 189 6.24 -2.33 3.79
CA GLN A 189 6.73 -0.97 3.68
C GLN A 189 6.19 -0.38 2.38
N GLU A 190 5.69 0.85 2.44
CA GLU A 190 5.20 1.54 1.23
C GLU A 190 6.37 1.92 0.32
N VAL A 191 6.32 1.47 -0.93
CA VAL A 191 7.45 1.65 -1.82
C VAL A 191 7.06 2.24 -3.17
N GLY A 192 5.77 2.27 -3.51
CA GLY A 192 5.38 2.80 -4.81
C GLY A 192 3.90 3.14 -4.90
N VAL A 193 3.49 3.58 -6.10
CA VAL A 193 2.11 3.93 -6.39
C VAL A 193 1.79 3.50 -7.82
N GLY A 194 0.60 2.94 -8.02
CA GLY A 194 0.25 2.41 -9.32
C GLY A 194 -1.24 2.48 -9.59
N LEU A 195 -1.57 2.34 -10.88
CA LEU A 195 -2.95 2.26 -11.31
C LEU A 195 -3.21 0.86 -11.85
N TYR A 196 -4.32 0.27 -11.40
CA TYR A 196 -4.74 -1.07 -11.79
C TYR A 196 -6.22 -0.97 -12.11
N PRO A 197 -6.57 -0.51 -13.31
CA PRO A 197 -7.97 -0.09 -13.55
C PRO A 197 -9.01 -1.19 -13.35
N SER A 198 -8.72 -2.44 -13.74
CA SER A 198 -9.69 -3.51 -13.47
C SER A 198 -9.94 -3.66 -11.98
N ILE A 199 -8.87 -3.59 -11.17
CA ILE A 199 -8.95 -3.69 -9.71
C ILE A 199 -9.68 -2.50 -9.13
N SER A 200 -9.63 -1.34 -9.80
CA SER A 200 -10.33 -0.15 -9.32
C SER A 200 -11.84 -0.33 -9.32
N LEU A 201 -12.35 -1.42 -9.90
CA LEU A 201 -13.78 -1.69 -9.79
C LEU A 201 -14.22 -1.97 -8.35
N LEU A 202 -13.30 -2.40 -7.48
CA LEU A 202 -13.69 -2.83 -6.13
C LEU A 202 -14.07 -1.65 -5.28
N ASN A 203 -15.30 -1.67 -4.77
CA ASN A 203 -15.72 -0.67 -3.79
C ASN A 203 -15.16 -1.01 -2.39
N HIS A 204 -15.25 -0.03 -1.49
CA HIS A 204 -14.69 -0.09 -0.14
C HIS A 204 -15.66 -0.71 0.86
N SER A 205 -15.10 -1.40 1.84
CA SER A 205 -15.82 -1.81 3.04
C SER A 205 -14.86 -1.71 4.23
N CYS A 206 -15.35 -1.18 5.35
CA CYS A 206 -14.55 -1.21 6.58
C CYS A 206 -14.46 -2.61 7.19
N ASP A 207 -15.13 -3.59 6.58
CA ASP A 207 -15.04 -4.98 7.00
C ASP A 207 -15.18 -5.83 5.74
N PRO A 208 -14.10 -5.95 4.95
CA PRO A 208 -14.22 -6.43 3.57
C PRO A 208 -14.27 -7.95 3.48
N ASN A 209 -14.67 -8.43 2.29
CA ASN A 209 -14.62 -9.86 2.02
C ASN A 209 -13.48 -10.26 1.07
N CYS A 210 -12.70 -9.30 0.58
CA CYS A 210 -11.51 -9.61 -0.22
C CYS A 210 -10.30 -8.81 0.28
N SER A 211 -9.13 -9.17 -0.26
CA SER A 211 -7.89 -8.50 0.11
C SER A 211 -6.95 -8.53 -1.08
N ILE A 212 -6.13 -7.48 -1.22
CA ILE A 212 -5.06 -7.49 -2.20
C ILE A 212 -3.71 -7.51 -1.48
N VAL A 213 -2.73 -8.11 -2.15
CA VAL A 213 -1.34 -8.13 -1.71
C VAL A 213 -0.48 -7.83 -2.92
N PHE A 214 0.67 -7.22 -2.68
CA PHE A 214 1.60 -6.90 -3.75
C PHE A 214 2.82 -7.78 -3.66
N ASN A 215 3.30 -8.23 -4.82
CA ASN A 215 4.54 -8.97 -4.97
C ASN A 215 5.32 -8.18 -6.02
N GLY A 216 6.27 -7.36 -5.59
CA GLY A 216 6.75 -6.31 -6.46
C GLY A 216 5.58 -5.48 -6.94
N PRO A 217 5.58 -5.05 -8.20
CA PRO A 217 4.41 -4.34 -8.75
C PRO A 217 3.20 -5.23 -9.03
N HIS A 218 3.35 -6.54 -8.99
CA HIS A 218 2.26 -7.45 -9.32
C HIS A 218 1.23 -7.51 -8.19
N LEU A 219 -0.05 -7.43 -8.54
CA LEU A 219 -1.13 -7.39 -7.56
C LEU A 219 -1.95 -8.68 -7.60
N LEU A 220 -2.15 -9.29 -6.43
CA LEU A 220 -3.02 -10.46 -6.30
C LEU A 220 -4.27 -10.08 -5.53
N LEU A 221 -5.44 -10.44 -6.05
CA LEU A 221 -6.73 -10.22 -5.40
C LEU A 221 -7.30 -11.55 -4.95
N ARG A 222 -7.48 -11.72 -3.64
CA ARG A 222 -7.94 -12.97 -3.05
C ARG A 222 -9.19 -12.74 -2.22
N ALA A 223 -10.08 -13.73 -2.19
CA ALA A 223 -11.16 -13.71 -1.21
C ALA A 223 -10.60 -14.02 0.17
N VAL A 224 -11.16 -13.38 1.21
CA VAL A 224 -10.79 -13.66 2.59
C VAL A 224 -11.98 -14.05 3.45
N ARG A 225 -13.17 -14.18 2.86
CA ARG A 225 -14.35 -14.77 3.48
C ARG A 225 -15.01 -15.68 2.45
N ASP A 226 -16.02 -16.44 2.89
CA ASP A 226 -16.94 -17.04 1.95
C ASP A 226 -17.75 -15.97 1.26
N ILE A 227 -17.90 -16.09 -0.05
CA ILE A 227 -18.70 -15.19 -0.85
C ILE A 227 -19.58 -16.04 -1.75
N GLU A 228 -20.83 -15.64 -1.92
CA GLU A 228 -21.74 -16.38 -2.79
C GLU A 228 -21.92 -15.68 -4.11
N VAL A 229 -22.60 -16.39 -5.03
CA VAL A 229 -22.87 -15.87 -6.37
C VAL A 229 -23.65 -14.57 -6.28
N GLY A 230 -23.20 -13.55 -7.03
CA GLY A 230 -23.84 -12.26 -7.06
C GLY A 230 -23.48 -11.31 -5.94
N GLU A 231 -22.74 -11.76 -4.92
CA GLU A 231 -22.37 -10.88 -3.82
C GLU A 231 -21.25 -9.95 -4.24
N GLU A 232 -21.36 -8.67 -3.86
CA GLU A 232 -20.36 -7.69 -4.22
C GLU A 232 -19.03 -8.01 -3.55
N LEU A 233 -17.95 -7.85 -4.31
CA LEU A 233 -16.61 -7.95 -3.73
C LEU A 233 -16.17 -6.58 -3.21
N THR A 234 -15.61 -6.56 -2.01
CA THR A 234 -15.09 -5.34 -1.39
C THR A 234 -13.68 -5.58 -0.86
N ILE A 235 -12.91 -4.50 -0.82
CA ILE A 235 -11.63 -4.42 -0.12
C ILE A 235 -11.70 -3.21 0.79
N CYS A 236 -10.84 -3.16 1.79
CA CYS A 236 -10.72 -1.99 2.64
C CYS A 236 -9.67 -1.04 2.04
N TYR A 237 -10.07 0.20 1.76
CA TYR A 237 -9.14 1.17 1.17
C TYR A 237 -8.11 1.68 2.17
N LEU A 238 -8.35 1.47 3.47
CA LEU A 238 -7.71 2.24 4.53
C LEU A 238 -6.93 1.33 5.49
N ASP A 239 -5.91 1.93 6.12
CA ASP A 239 -5.24 1.34 7.29
C ASP A 239 -6.29 0.89 8.30
N MET A 240 -6.09 -0.31 8.86
CA MET A 240 -7.03 -0.80 9.87
C MET A 240 -6.91 -0.02 11.18
N LEU A 241 -5.76 0.59 11.43
CA LEU A 241 -5.56 1.31 12.70
C LEU A 241 -6.01 2.76 12.53
N MET A 242 -7.33 2.91 12.42
CA MET A 242 -7.97 4.21 12.29
C MET A 242 -9.32 4.16 13.01
N THR A 243 -9.69 5.29 13.62
CA THR A 243 -11.02 5.42 14.19
C THR A 243 -12.03 5.72 13.09
N SER A 244 -13.32 5.59 13.41
CA SER A 244 -14.35 5.89 12.43
C SER A 244 -14.30 7.35 12.01
N GLU A 245 -13.89 8.25 12.92
CA GLU A 245 -13.72 9.65 12.53
C GLU A 245 -12.60 9.80 11.52
N GLU A 246 -11.49 9.09 11.72
CA GLU A 246 -10.39 9.20 10.78
C GLU A 246 -10.77 8.57 9.44
N ARG A 247 -11.55 7.49 9.48
CA ARG A 247 -12.03 6.89 8.24
C ARG A 247 -12.98 7.82 7.49
N ARG A 248 -13.93 8.45 8.20
CA ARG A 248 -14.85 9.39 7.58
C ARG A 248 -14.11 10.46 6.80
N LYS A 249 -13.07 11.05 7.41
CA LYS A 249 -12.35 12.16 6.78
C LYS A 249 -11.65 11.73 5.50
N GLN A 250 -10.90 10.62 5.55
CA GLN A 250 -10.17 10.23 4.34
C GLN A 250 -11.11 9.77 3.24
N LEU A 251 -12.19 9.07 3.60
CA LEU A 251 -13.14 8.64 2.57
C LEU A 251 -13.87 9.83 1.95
N ARG A 252 -14.15 10.87 2.74
CA ARG A 252 -14.66 12.12 2.19
C ARG A 252 -13.61 12.81 1.31
N ASP A 253 -12.42 13.06 1.89
CA ASP A 253 -11.41 13.89 1.23
C ASP A 253 -10.85 13.24 -0.02
N GLN A 254 -10.58 11.94 0.03
CA GLN A 254 -9.95 11.28 -1.11
C GLN A 254 -10.95 10.57 -2.03
N TYR A 255 -12.03 9.98 -1.48
CA TYR A 255 -12.93 9.14 -2.25
C TYR A 255 -14.34 9.69 -2.42
N CYS A 256 -14.65 10.84 -1.84
CA CYS A 256 -15.95 11.51 -1.99
C CYS A 256 -17.14 10.60 -1.71
N PHE A 257 -17.08 9.84 -0.61
CA PHE A 257 -18.32 9.18 -0.18
C PHE A 257 -18.36 9.09 1.34
N GLU A 258 -19.58 8.85 1.85
CA GLU A 258 -19.85 8.60 3.26
C GLU A 258 -20.12 7.11 3.45
N CYS A 259 -19.49 6.50 4.45
CA CYS A 259 -19.65 5.08 4.68
C CYS A 259 -20.78 4.80 5.67
N ASP A 260 -21.74 3.96 5.24
CA ASP A 260 -22.90 3.56 6.03
C ASP A 260 -22.73 2.21 6.74
N CYS A 261 -21.57 1.56 6.59
CA CYS A 261 -21.37 0.20 7.11
C CYS A 261 -21.60 0.15 8.63
N PHE A 262 -21.76 -1.08 9.13
CA PHE A 262 -22.07 -1.29 10.54
C PHE A 262 -20.99 -0.73 11.45
N ARG A 263 -19.73 -0.89 11.06
CA ARG A 263 -18.62 -0.41 11.88
C ARG A 263 -18.67 1.11 12.05
N CYS A 264 -18.98 1.82 10.96
CA CYS A 264 -19.04 3.28 11.06
C CYS A 264 -20.27 3.74 11.84
N GLN A 265 -21.40 3.06 11.67
CA GLN A 265 -22.61 3.42 12.42
C GLN A 265 -22.41 3.27 13.92
N THR A 266 -21.66 2.25 14.35
CA THR A 266 -21.49 1.98 15.77
C THR A 266 -20.13 2.38 16.30
N GLN A 267 -19.31 3.09 15.52
CA GLN A 267 -17.96 3.45 15.96
C GLN A 267 -17.22 2.22 16.50
N ASP A 268 -17.34 1.12 15.75
CA ASP A 268 -16.79 -0.17 16.15
C ASP A 268 -15.30 -0.06 16.44
N LYS A 269 -14.91 -0.36 17.68
CA LYS A 269 -13.55 -0.44 18.22
C LYS A 269 -12.94 0.94 18.52
N ASP A 270 -13.66 2.04 18.28
CA ASP A 270 -13.11 3.36 18.52
C ASP A 270 -12.65 3.52 19.96
N ALA A 271 -13.47 3.08 20.93
CA ALA A 271 -13.15 3.31 22.34
C ALA A 271 -11.90 2.57 22.76
N ASP A 272 -11.74 1.31 22.31
CA ASP A 272 -10.54 0.56 22.64
C ASP A 272 -9.30 1.19 22.01
N MET A 273 -9.43 1.67 20.77
CA MET A 273 -8.32 2.28 20.04
C MET A 273 -7.79 3.54 20.70
N LEU A 274 -8.62 4.22 21.50
CA LEU A 274 -8.23 5.50 22.09
C LEU A 274 -8.14 5.43 23.60
N THR A 275 -7.79 4.26 24.15
CA THR A 275 -7.64 4.17 25.60
C THR A 275 -6.33 4.82 26.04
N GLY A 276 -6.22 5.08 27.34
CA GLY A 276 -5.11 5.89 27.84
C GLY A 276 -5.47 7.36 27.88
N ASP A 277 -4.52 8.15 28.40
N ASP A 277 -4.53 8.15 28.39
CA ASP A 277 -4.75 9.58 28.59
CA ASP A 277 -4.79 9.57 28.62
C ASP A 277 -4.75 10.30 27.24
C ASP A 277 -4.71 10.36 27.30
N GLU A 278 -5.76 11.13 27.03
CA GLU A 278 -5.91 11.78 25.73
C GLU A 278 -4.76 12.72 25.42
N GLN A 279 -4.26 13.43 26.43
CA GLN A 279 -3.17 14.37 26.19
C GLN A 279 -1.94 13.63 25.70
N VAL A 280 -1.71 12.44 26.26
CA VAL A 280 -0.52 11.67 25.89
C VAL A 280 -0.64 11.20 24.45
N TRP A 281 -1.76 10.58 24.07
CA TRP A 281 -1.81 10.05 22.72
C TRP A 281 -2.02 11.12 21.67
N LYS A 282 -2.56 12.29 22.05
CA LYS A 282 -2.50 13.43 21.13
C LYS A 282 -1.06 13.75 20.76
N GLU A 283 -0.16 13.83 21.75
CA GLU A 283 1.25 14.13 21.47
C GLU A 283 1.94 13.00 20.71
N VAL A 284 1.63 11.75 21.03
CA VAL A 284 2.21 10.64 20.29
C VAL A 284 1.72 10.65 18.83
N GLN A 285 0.44 10.98 18.62
CA GLN A 285 -0.09 11.07 17.27
C GLN A 285 0.55 12.22 16.51
N GLU A 286 0.86 13.31 17.21
CA GLU A 286 1.62 14.38 16.58
C GLU A 286 3.00 13.90 16.16
N SER A 287 3.74 13.25 17.07
CA SER A 287 5.09 12.78 16.76
C SER A 287 5.10 11.79 15.62
N LEU A 288 4.02 11.00 15.48
CA LEU A 288 4.02 9.95 14.47
C LEU A 288 4.14 10.53 13.07
N LYS A 289 3.70 11.77 12.88
CA LYS A 289 3.87 12.41 11.58
C LYS A 289 5.35 12.46 11.19
N LYS A 290 6.22 12.86 12.12
CA LYS A 290 7.65 12.83 11.83
C LYS A 290 8.16 11.40 11.75
N ILE A 291 7.73 10.54 12.68
CA ILE A 291 8.21 9.15 12.68
C ILE A 291 7.90 8.47 11.35
N GLU A 292 6.64 8.55 10.92
CA GLU A 292 6.25 7.92 9.66
C GLU A 292 6.92 8.58 8.46
N GLU A 293 7.16 9.90 8.51
CA GLU A 293 7.90 10.56 7.45
C GLU A 293 9.32 10.00 7.37
N LEU A 294 10.02 9.97 8.50
CA LEU A 294 11.36 9.38 8.58
C LEU A 294 11.36 7.93 8.08
N LYS A 295 10.35 7.15 8.46
CA LYS A 295 10.31 5.74 8.07
C LYS A 295 10.09 5.60 6.57
N ALA A 296 9.19 6.42 6.01
CA ALA A 296 8.98 6.47 4.57
C ALA A 296 10.28 6.74 3.81
N HIS A 297 11.27 7.34 4.47
CA HIS A 297 12.58 7.54 3.88
C HIS A 297 13.62 6.55 4.41
N TRP A 298 13.19 5.48 5.08
CA TRP A 298 14.07 4.38 5.52
C TRP A 298 15.17 4.87 6.48
N LYS A 299 14.92 5.96 7.20
CA LYS A 299 15.89 6.51 8.15
C LYS A 299 15.72 5.81 9.49
N TRP A 300 16.20 4.56 9.54
CA TRP A 300 15.82 3.67 10.63
C TRP A 300 16.34 4.16 11.98
N GLU A 301 17.57 4.65 12.03
CA GLU A 301 18.15 5.06 13.31
C GLU A 301 17.37 6.22 13.91
N GLN A 302 16.97 7.19 13.09
CA GLN A 302 16.17 8.29 13.62
C GLN A 302 14.78 7.83 14.01
N VAL A 303 14.21 6.87 13.27
CA VAL A 303 12.91 6.32 13.65
C VAL A 303 12.97 5.69 15.03
N LEU A 304 13.97 4.81 15.24
CA LEU A 304 14.10 4.10 16.51
C LEU A 304 14.30 5.07 17.67
N ALA A 305 15.14 6.10 17.48
CA ALA A 305 15.37 7.04 18.57
C ALA A 305 14.10 7.79 18.95
N MET A 306 13.27 8.16 17.98
CA MET A 306 12.02 8.82 18.32
C MET A 306 11.05 7.86 19.00
N CYS A 307 11.01 6.60 18.57
CA CYS A 307 10.10 5.63 19.16
C CYS A 307 10.49 5.26 20.58
N GLN A 308 11.79 5.08 20.83
CA GLN A 308 12.26 4.78 22.18
C GLN A 308 11.89 5.89 23.15
N ALA A 309 11.98 7.14 22.70
CA ALA A 309 11.61 8.27 23.53
C ALA A 309 10.15 8.20 24.00
N ILE A 310 9.30 7.49 23.25
CA ILE A 310 7.90 7.32 23.61
C ILE A 310 7.69 6.02 24.37
N ILE A 311 8.19 4.91 23.83
CA ILE A 311 7.94 3.60 24.41
C ILE A 311 8.53 3.52 25.80
N SER A 312 9.73 4.09 25.98
CA SER A 312 10.42 4.06 27.26
C SER A 312 10.47 5.44 27.90
N SER A 313 9.41 6.22 27.72
CA SER A 313 9.43 7.59 28.21
C SER A 313 9.49 7.62 29.73
N ASN A 314 10.06 8.72 30.26
CA ASN A 314 9.92 8.96 31.68
C ASN A 314 8.58 9.60 32.02
N SER A 315 7.94 10.27 31.06
CA SER A 315 6.60 10.79 31.27
C SER A 315 5.56 9.68 31.07
N GLU A 316 4.28 10.05 31.11
CA GLU A 316 3.18 9.08 31.10
C GLU A 316 3.16 8.27 29.80
N ARG A 317 2.73 7.03 29.92
CA ARG A 317 2.75 6.07 28.81
C ARG A 317 1.33 5.65 28.44
N LEU A 318 1.23 4.95 27.32
CA LEU A 318 -0.02 4.51 26.75
C LEU A 318 -0.09 2.98 26.76
N PRO A 319 -1.29 2.42 26.89
CA PRO A 319 -1.44 0.98 26.68
C PRO A 319 -1.12 0.62 25.23
N ASP A 320 -0.57 -0.58 25.04
CA ASP A 320 -0.23 -1.06 23.71
C ASP A 320 -1.44 -1.19 22.80
N ILE A 321 -2.64 -1.18 23.35
CA ILE A 321 -3.86 -1.24 22.55
C ILE A 321 -4.22 0.11 21.92
N ASN A 322 -3.70 1.22 22.46
CA ASN A 322 -3.89 2.52 21.81
C ASN A 322 -3.24 2.51 20.43
N ILE A 323 -3.97 2.95 19.40
CA ILE A 323 -3.48 2.77 18.02
C ILE A 323 -2.22 3.58 17.76
N TYR A 324 -2.09 4.74 18.39
CA TYR A 324 -0.88 5.52 18.17
C TYR A 324 0.32 4.87 18.83
N GLN A 325 0.16 4.40 20.08
CA GLN A 325 1.18 3.57 20.71
C GLN A 325 1.48 2.34 19.88
N LEU A 326 0.44 1.65 19.41
CA LEU A 326 0.65 0.47 18.57
C LEU A 326 1.50 0.81 17.35
N LYS A 327 1.20 1.94 16.69
CA LYS A 327 1.94 2.35 15.51
C LYS A 327 3.39 2.61 15.86
N VAL A 328 3.64 3.28 17.00
CA VAL A 328 5.02 3.52 17.43
C VAL A 328 5.75 2.20 17.66
N LEU A 329 5.09 1.23 18.29
CA LEU A 329 5.72 -0.06 18.55
C LEU A 329 6.12 -0.76 17.25
N ASP A 330 5.24 -0.74 16.25
CA ASP A 330 5.53 -1.38 14.97
C ASP A 330 6.68 -0.68 14.26
N CYS A 331 6.65 0.66 14.23
CA CYS A 331 7.76 1.40 13.67
C CYS A 331 9.08 1.05 14.37
N ALA A 332 9.07 0.93 15.70
CA ALA A 332 10.30 0.56 16.39
C ALA A 332 10.70 -0.87 16.07
N MET A 333 9.74 -1.79 15.98
CA MET A 333 10.06 -3.17 15.59
C MET A 333 10.73 -3.21 14.23
N ASP A 334 10.16 -2.50 13.25
CA ASP A 334 10.68 -2.53 11.89
C ASP A 334 12.04 -1.86 11.80
N ALA A 335 12.25 -0.79 12.57
CA ALA A 335 13.56 -0.17 12.62
C ALA A 335 14.60 -1.15 13.19
N CYS A 336 14.32 -1.71 14.38
CA CYS A 336 15.24 -2.66 14.99
C CYS A 336 15.61 -3.79 14.03
N ILE A 337 14.63 -4.31 13.29
CA ILE A 337 14.91 -5.42 12.36
C ILE A 337 15.93 -5.00 11.31
N ASN A 338 15.72 -3.83 10.70
CA ASN A 338 16.61 -3.34 9.66
C ASN A 338 17.96 -2.90 10.21
N LEU A 339 18.04 -2.59 11.50
CA LEU A 339 19.29 -2.26 12.17
C LEU A 339 19.91 -3.45 12.87
N GLY A 340 19.34 -4.65 12.71
CA GLY A 340 19.88 -5.85 13.33
C GLY A 340 19.77 -5.93 14.84
N LEU A 341 18.93 -5.10 15.46
CA LEU A 341 18.69 -5.16 16.90
C LEU A 341 17.54 -6.13 17.14
N LEU A 342 17.86 -7.42 17.14
CA LEU A 342 16.83 -8.44 17.00
C LEU A 342 16.14 -8.76 18.32
N GLU A 343 16.86 -8.68 19.43
CA GLU A 343 16.23 -8.87 20.75
C GLU A 343 15.24 -7.75 21.01
N GLU A 344 15.66 -6.51 20.78
CA GLU A 344 14.77 -5.38 20.98
C GLU A 344 13.58 -5.44 20.03
N ALA A 345 13.81 -5.85 18.77
CA ALA A 345 12.72 -5.99 17.81
C ALA A 345 11.69 -7.00 18.30
N LEU A 346 12.14 -8.15 18.77
CA LEU A 346 11.23 -9.16 19.27
C LEU A 346 10.39 -8.62 20.42
N PHE A 347 11.02 -7.81 21.30
CA PHE A 347 10.30 -7.22 22.41
C PHE A 347 9.12 -6.38 21.91
N TYR A 348 9.39 -5.44 21.00
CA TYR A 348 8.31 -4.62 20.44
C TYR A 348 7.33 -5.48 19.63
N GLY A 349 7.84 -6.38 18.81
CA GLY A 349 6.96 -7.19 17.98
C GLY A 349 6.01 -8.04 18.80
N THR A 350 6.52 -8.71 19.85
CA THR A 350 5.64 -9.51 20.68
CA THR A 350 5.67 -9.50 20.73
C THR A 350 4.55 -8.66 21.31
N ARG A 351 4.86 -7.41 21.68
CA ARG A 351 3.89 -6.54 22.32
C ARG A 351 2.75 -6.18 21.37
N THR A 352 3.02 -6.09 20.07
CA THR A 352 1.98 -5.81 19.08
C THR A 352 1.04 -6.98 18.81
N MET A 353 1.37 -8.19 19.28
CA MET A 353 0.69 -9.39 18.79
C MET A 353 -0.77 -9.45 19.20
N GLU A 354 -1.08 -9.10 20.46
CA GLU A 354 -2.48 -9.17 20.84
C GLU A 354 -3.28 -7.98 20.27
N PRO A 355 -2.77 -6.74 20.33
CA PRO A 355 -3.48 -5.67 19.60
C PRO A 355 -3.72 -5.99 18.14
N TYR A 356 -2.76 -6.62 17.45
CA TYR A 356 -2.97 -6.95 16.04
C TYR A 356 -4.06 -8.01 15.88
N ARG A 357 -4.16 -8.96 16.82
CA ARG A 357 -5.24 -9.94 16.74
C ARG A 357 -6.59 -9.27 16.85
N ILE A 358 -6.68 -8.21 17.65
CA ILE A 358 -7.94 -7.52 17.85
C ILE A 358 -8.29 -6.65 16.66
N PHE A 359 -7.33 -5.88 16.13
CA PHE A 359 -7.61 -4.87 15.12
C PHE A 359 -7.49 -5.38 13.68
N PHE A 360 -6.99 -6.58 13.46
CA PHE A 360 -6.92 -7.17 12.12
C PHE A 360 -7.68 -8.50 12.14
N PRO A 361 -8.99 -8.46 12.37
CA PRO A 361 -9.76 -9.71 12.53
C PRO A 361 -9.78 -10.53 11.24
N GLY A 362 -10.08 -11.82 11.39
CA GLY A 362 -10.13 -12.69 10.23
C GLY A 362 -8.75 -12.85 9.63
N SER A 363 -8.68 -12.84 8.31
CA SER A 363 -7.43 -13.03 7.58
C SER A 363 -7.04 -11.71 6.91
N HIS A 364 -6.00 -11.07 7.42
CA HIS A 364 -5.53 -9.79 6.91
C HIS A 364 -4.03 -9.90 6.62
N PRO A 365 -3.59 -9.51 5.43
CA PRO A 365 -2.17 -9.69 5.09
C PRO A 365 -1.23 -8.97 6.03
N VAL A 366 -1.64 -7.82 6.60
CA VAL A 366 -0.75 -7.06 7.47
C VAL A 366 -0.46 -7.82 8.75
N ARG A 367 -1.49 -8.43 9.34
CA ARG A 367 -1.26 -9.24 10.54
C ARG A 367 -0.47 -10.50 10.20
N GLY A 368 -0.77 -11.15 9.08
CA GLY A 368 -0.01 -12.32 8.67
C GLY A 368 1.48 -12.08 8.59
N VAL A 369 1.88 -10.94 8.00
CA VAL A 369 3.29 -10.58 7.86
C VAL A 369 3.89 -10.23 9.23
N GLN A 370 3.13 -9.52 10.07
CA GLN A 370 3.61 -9.20 11.41
C GLN A 370 3.93 -10.47 12.19
N VAL A 371 3.03 -11.45 12.15
CA VAL A 371 3.23 -12.67 12.91
C VAL A 371 4.43 -13.43 12.35
N MET A 372 4.60 -13.41 11.02
CA MET A 372 5.76 -14.04 10.42
C MET A 372 7.07 -13.40 10.92
N LYS A 373 7.11 -12.05 11.00
CA LYS A 373 8.30 -11.39 11.51
C LYS A 373 8.63 -11.82 12.93
N VAL A 374 7.60 -11.91 13.80
CA VAL A 374 7.82 -12.27 15.20
C VAL A 374 8.33 -13.69 15.30
N GLY A 375 7.67 -14.62 14.62
CA GLY A 375 8.14 -16.00 14.61
C GLY A 375 9.53 -16.15 14.01
N LYS A 376 9.83 -15.38 12.96
CA LYS A 376 11.18 -15.38 12.42
C LYS A 376 12.19 -14.87 13.43
N LEU A 377 11.83 -13.84 14.19
CA LEU A 377 12.71 -13.38 15.27
C LEU A 377 12.87 -14.45 16.35
N GLN A 378 11.78 -15.15 16.67
CA GLN A 378 11.84 -16.20 17.69
C GLN A 378 12.62 -17.42 17.19
N LEU A 379 12.56 -17.72 15.90
CA LEU A 379 13.36 -18.81 15.35
C LEU A 379 14.85 -18.51 15.43
N HIS A 380 15.24 -17.29 15.05
CA HIS A 380 16.64 -16.89 15.12
C HIS A 380 17.15 -16.87 16.57
N GLN A 381 16.25 -16.69 17.53
CA GLN A 381 16.63 -16.66 18.95
C GLN A 381 16.61 -18.04 19.60
N GLY A 382 16.23 -19.07 18.88
CA GLY A 382 16.21 -20.41 19.44
C GLY A 382 14.97 -20.76 20.23
N MET A 383 13.89 -19.99 20.12
CA MET A 383 12.64 -20.29 20.81
C MET A 383 11.76 -21.12 19.88
N PHE A 384 12.06 -22.42 19.81
CA PHE A 384 11.52 -23.22 18.71
C PHE A 384 10.04 -23.50 18.85
N PRO A 385 9.52 -23.93 20.00
CA PRO A 385 8.06 -24.12 20.09
C PRO A 385 7.29 -22.81 19.92
N GLN A 386 7.82 -21.70 20.42
CA GLN A 386 7.10 -20.44 20.29
C GLN A 386 7.15 -19.96 18.84
N ALA A 387 8.34 -19.98 18.22
CA ALA A 387 8.43 -19.65 16.80
C ALA A 387 7.49 -20.53 15.98
N MET A 388 7.50 -21.83 16.24
CA MET A 388 6.71 -22.74 15.42
C MET A 388 5.22 -22.40 15.51
N LYS A 389 4.75 -21.98 16.69
CA LYS A 389 3.36 -21.60 16.83
C LYS A 389 3.03 -20.39 15.96
N ASN A 390 3.89 -19.36 16.00
CA ASN A 390 3.60 -18.14 15.24
C ASN A 390 3.81 -18.36 13.74
N LEU A 391 4.81 -19.14 13.36
CA LEU A 391 4.98 -19.47 11.95
C LEU A 391 3.76 -20.22 11.40
N ARG A 392 3.19 -21.13 12.20
CA ARG A 392 1.98 -21.82 11.75
C ARG A 392 0.80 -20.86 11.69
N LEU A 393 0.71 -19.93 12.64
CA LEU A 393 -0.38 -18.95 12.59
C LEU A 393 -0.23 -18.02 11.39
N ALA A 394 0.99 -17.57 11.11
CA ALA A 394 1.27 -16.77 9.92
C ALA A 394 0.89 -17.53 8.65
N PHE A 395 1.22 -18.82 8.59
CA PHE A 395 0.82 -19.60 7.43
C PHE A 395 -0.70 -19.69 7.32
N ASP A 396 -1.39 -19.88 8.45
CA ASP A 396 -2.84 -19.96 8.40
C ASP A 396 -3.43 -18.69 7.82
N ILE A 397 -2.85 -17.53 8.16
CA ILE A 397 -3.37 -16.28 7.63
C ILE A 397 -2.94 -16.09 6.18
N MET A 398 -1.65 -16.29 5.89
CA MET A 398 -1.08 -15.94 4.59
C MET A 398 -1.37 -16.96 3.51
N ARG A 399 -1.73 -18.19 3.86
CA ARG A 399 -2.28 -19.07 2.83
C ARG A 399 -3.54 -18.46 2.26
N VAL A 400 -4.28 -17.71 3.07
CA VAL A 400 -5.49 -17.05 2.59
C VAL A 400 -5.17 -15.73 1.91
N THR A 401 -4.32 -14.91 2.51
CA THR A 401 -4.11 -13.54 2.03
C THR A 401 -3.04 -13.44 0.95
N HIS A 402 -2.02 -14.29 1.00
CA HIS A 402 -0.93 -14.28 0.04
C HIS A 402 -1.04 -15.40 -0.98
N GLY A 403 -1.14 -16.64 -0.51
CA GLY A 403 -1.33 -17.77 -1.39
C GLY A 403 -0.05 -18.21 -2.10
N ARG A 404 -0.15 -19.36 -2.76
CA ARG A 404 1.00 -19.96 -3.44
C ARG A 404 1.65 -18.99 -4.42
N GLU A 405 0.85 -18.18 -5.10
CA GLU A 405 1.37 -17.28 -6.13
C GLU A 405 2.25 -16.16 -5.57
N HIS A 406 2.24 -15.93 -4.26
CA HIS A 406 3.08 -14.93 -3.63
C HIS A 406 4.37 -15.58 -3.10
N SER A 407 5.52 -15.03 -3.52
CA SER A 407 6.81 -15.61 -3.19
C SER A 407 7.11 -15.61 -1.69
N LEU A 408 6.47 -14.74 -0.89
CA LEU A 408 6.67 -14.77 0.55
C LEU A 408 6.15 -16.04 1.19
N ILE A 409 5.16 -16.70 0.57
CA ILE A 409 4.72 -18.01 1.05
C ILE A 409 5.85 -19.02 0.96
N GLU A 410 6.67 -18.94 -0.09
CA GLU A 410 7.83 -19.82 -0.19
C GLU A 410 8.81 -19.57 0.96
N ASP A 411 9.15 -18.30 1.20
CA ASP A 411 10.03 -17.96 2.33
C ASP A 411 9.47 -18.47 3.65
N LEU A 412 8.15 -18.36 3.83
CA LEU A 412 7.57 -18.79 5.10
C LEU A 412 7.65 -20.30 5.22
N ILE A 413 7.45 -21.02 4.11
CA ILE A 413 7.48 -22.48 4.15
C ILE A 413 8.86 -22.98 4.55
N LEU A 414 9.91 -22.30 4.08
CA LEU A 414 11.26 -22.66 4.48
C LEU A 414 11.48 -22.41 5.96
N LEU A 415 11.00 -21.28 6.49
CA LEU A 415 11.11 -21.03 7.91
C LEU A 415 10.37 -22.09 8.72
N LEU A 416 9.18 -22.48 8.25
CA LEU A 416 8.45 -23.55 8.91
C LEU A 416 9.25 -24.85 8.92
N GLU A 417 9.82 -25.22 7.75
CA GLU A 417 10.63 -26.43 7.67
C GLU A 417 11.84 -26.37 8.59
N GLU A 418 12.57 -25.25 8.56
CA GLU A 418 13.75 -25.11 9.41
C GLU A 418 13.39 -25.22 10.88
N CYS A 419 12.28 -24.61 11.29
CA CYS A 419 11.87 -24.67 12.69
C CYS A 419 11.39 -26.06 13.08
N ASP A 420 10.73 -26.79 12.17
CA ASP A 420 10.26 -28.14 12.49
C ASP A 420 11.43 -29.11 12.62
N ALA A 421 12.42 -29.00 11.74
CA ALA A 421 13.62 -29.84 11.86
C ALA A 421 14.32 -29.60 13.20
N ASN A 422 14.32 -28.36 13.69
CA ASN A 422 14.88 -28.11 15.02
C ASN A 422 14.10 -28.84 16.10
N ILE A 423 12.78 -28.75 16.06
CA ILE A 423 11.91 -29.46 16.99
C ILE A 423 11.86 -30.96 16.71
CAA 8HR B . -0.78 -1.75 2.86
CAB 8HR B . 0.26 -1.54 1.99
CAC 8HR B . 0.09 -1.64 0.63
CAD 8HR B . -1.17 -1.97 0.12
CAE 8HR B . -2.25 -2.17 0.99
CAF 8HR B . -2.03 -2.07 2.37
CAH 8HR B . 0.63 -1.33 4.70
CAI 8HR B . 1.72 -1.12 3.88
CAJ 8HR B . 1.49 -1.24 2.52
CAK 8HR B . 0.78 -1.26 6.06
CAL 8HR B . -3.55 -2.48 0.57
CAO 8HR B . -3.72 -0.23 -0.49
CAP 8HR B . -4.79 0.85 -0.44
CAR 8HR B . -6.19 -0.93 -1.64
CAS 8HR B . -5.71 -1.84 -0.50
CAT 8HR B . -6.62 1.50 -1.87
CAW 8HR B . -7.55 2.01 -3.91
CAX 8HR B . -8.65 1.56 -4.86
CAY 8HR B . -8.44 2.16 -6.25
CAZ 8HR B . -0.38 -1.31 6.82
CBA 8HR B . -0.30 -1.26 8.21
CBB 8HR B . 0.93 -1.15 8.85
CBC 8HR B . 2.07 -1.10 8.08
CBD 8HR B . 2.02 -1.15 6.68
NAG 8HR B . -0.58 -1.64 4.20
NAM 8HR B . -4.28 -1.56 -0.11
NAQ 8HR B . -5.91 0.50 -1.35
OAN 8HR B . -4.03 -3.55 0.92
OAU 8HR B . -6.34 2.67 -1.56
OAV 8HR B . -7.68 1.27 -2.70
N SAM C . -17.56 2.59 -7.77
CA SAM C . -16.30 2.86 -8.45
C SAM C . -16.51 3.08 -9.93
O SAM C . -17.65 3.27 -10.35
OXT SAM C . -15.57 3.07 -10.74
CB SAM C . -15.32 1.73 -8.20
CG SAM C . -14.47 1.92 -6.94
SD SAM C . -13.32 3.29 -7.19
CE SAM C . -11.76 2.53 -6.71
C5' SAM C . -13.60 4.34 -5.72
C4' SAM C . -14.91 5.14 -5.75
O4' SAM C . -16.04 4.28 -5.70
C3' SAM C . -15.07 6.12 -4.58
O3' SAM C . -14.43 7.36 -4.84
C2' SAM C . -16.57 6.23 -4.44
O2' SAM C . -17.11 7.08 -5.45
C1' SAM C . -17.02 4.84 -4.82
N9 SAM C . -17.10 3.97 -3.63
C8 SAM C . -16.17 3.04 -3.22
N7 SAM C . -16.65 2.45 -2.09
C5 SAM C . -17.86 2.97 -1.78
C6 SAM C . -18.76 2.73 -0.76
N6 SAM C . -18.54 1.82 0.19
N1 SAM C . -19.92 3.47 -0.73
C2 SAM C . -20.19 4.42 -1.69
N3 SAM C . -19.30 4.64 -2.70
C4 SAM C . -18.14 3.93 -2.74
ZN ZN D . -17.44 1.98 7.24
ZN ZN E . 15.13 -4.58 -9.93
ZN ZN F . 16.64 8.17 -17.29
#